data_6G2G
#
_entry.id   6G2G
#
_cell.length_a   58.780
_cell.length_b   90.434
_cell.length_c   125.408
_cell.angle_alpha   90.000
_cell.angle_beta   90.000
_cell.angle_gamma   90.000
#
_symmetry.space_group_name_H-M   'P 21 21 21'
#
loop_
_entity.id
_entity.type
_entity.pdbx_description
1 polymer 'Cytosolic Fe-S cluster assembly factor CFD1'
2 non-polymer 'IRON/SULFUR CLUSTER'
3 non-polymer 'SULFATE ION'
4 water water
#
_entity_poly.entity_id   1
_entity_poly.type   'polypeptide(L)'
_entity_poly.pdbx_seq_one_letter_code
;MSLSQVKHIILVLSGKGGVGKSSVTTQLALSLSQAGYSVGVLDVDLTGPSIPRMFAVEDAKVKQGSGGWLPVVVHEANPS
TGIGSLRVMSLGFLLPRRGDAVIWRGPKKTAMVRQFMSDVLWDELDFLLVDTPPGTSDEHISLAETLLQEARPGQLSGAI
VVTTPQAVATADVRKELNFCKKTGIRVLGVVENMSGFVCPNCSECTNIFSSGGGEIMANDFNVRFLGRVPIDPQFLVLIE
TGKRPRYPEGTKVNSQDLSFQHLEQVDNADNPETPNSSLLVDKYRDCSLAPIFRAITADVVVAVEQASGS
;
_entity_poly.pdbx_strand_id   A,B
#
# COMPACT_ATOMS: atom_id res chain seq x y z
N MET A 1 3.85 -28.44 13.49
CA MET A 1 4.41 -29.55 14.27
C MET A 1 5.90 -29.31 14.58
N SER A 2 6.46 -30.22 15.39
CA SER A 2 7.78 -30.05 16.00
C SER A 2 7.85 -28.76 16.80
N LEU A 3 6.71 -28.35 17.38
CA LEU A 3 6.64 -27.29 18.36
C LEU A 3 6.92 -27.80 19.76
N SER A 4 7.43 -29.04 19.86
CA SER A 4 7.56 -29.72 21.15
C SER A 4 8.40 -28.94 22.16
N GLN A 5 9.29 -28.04 21.71
CA GLN A 5 10.11 -27.26 22.62
C GLN A 5 10.07 -25.77 22.30
N VAL A 6 9.05 -25.32 21.57
CA VAL A 6 8.85 -23.89 21.32
C VAL A 6 8.02 -23.34 22.47
N LYS A 7 8.64 -22.49 23.30
CA LYS A 7 7.94 -21.99 24.48
C LYS A 7 6.80 -21.06 24.11
N HIS A 8 7.00 -20.17 23.15
CA HIS A 8 6.02 -19.13 22.83
C HIS A 8 5.89 -18.97 21.32
N ILE A 9 4.65 -18.98 20.84
CA ILE A 9 4.35 -18.79 19.42
C ILE A 9 3.57 -17.49 19.28
N ILE A 10 4.09 -16.57 18.48
CA ILE A 10 3.45 -15.28 18.23
C ILE A 10 3.06 -15.20 16.76
N LEU A 11 1.77 -14.97 16.51
CA LEU A 11 1.28 -14.72 15.17
C LEU A 11 1.37 -13.22 14.86
N VAL A 12 1.96 -12.88 13.73
CA VAL A 12 1.95 -11.52 13.21
C VAL A 12 0.89 -11.46 12.13
N LEU A 13 -0.19 -10.74 12.39
CA LEU A 13 -1.37 -10.73 11.53
C LEU A 13 -1.50 -9.39 10.80
N SER A 14 -2.29 -9.41 9.73
CA SER A 14 -2.49 -8.23 8.91
C SER A 14 -3.80 -8.38 8.14
N GLY A 15 -4.56 -7.28 8.05
CA GLY A 15 -5.77 -7.28 7.26
C GLY A 15 -5.53 -7.24 5.76
N LYS A 16 -4.38 -6.71 5.35
CA LYS A 16 -4.04 -6.63 3.94
C LYS A 16 -2.54 -6.44 3.80
N GLY A 17 -2.00 -6.77 2.63
CA GLY A 17 -0.58 -6.71 2.39
C GLY A 17 -0.09 -5.30 2.13
N GLY A 18 1.23 -5.16 2.14
CA GLY A 18 1.85 -3.87 1.93
C GLY A 18 1.86 -2.95 3.13
N VAL A 19 1.68 -3.48 4.33
CA VAL A 19 1.69 -2.68 5.55
C VAL A 19 3.02 -2.74 6.28
N GLY A 20 4.02 -3.38 5.68
CA GLY A 20 5.29 -3.58 6.35
C GLY A 20 5.25 -4.68 7.38
N LYS A 21 4.40 -5.69 7.20
CA LYS A 21 4.28 -6.74 8.20
C LYS A 21 5.54 -7.59 8.27
N SER A 22 6.06 -8.01 7.11
CA SER A 22 7.25 -8.86 7.12
C SER A 22 8.45 -8.13 7.71
N SER A 23 8.54 -6.82 7.50
CA SER A 23 9.62 -6.05 8.13
C SER A 23 9.40 -5.93 9.63
N VAL A 24 8.15 -5.72 10.06
CA VAL A 24 7.84 -5.73 11.48
C VAL A 24 8.25 -7.05 12.11
N THR A 25 7.86 -8.16 11.48
CA THR A 25 8.30 -9.48 11.92
C THR A 25 9.82 -9.55 11.99
N THR A 26 10.51 -9.00 11.00
CA THR A 26 11.97 -9.01 11.00
C THR A 26 12.53 -8.30 12.22
N GLN A 27 11.98 -7.13 12.56
CA GLN A 27 12.55 -6.33 13.63
C GLN A 27 12.14 -6.84 15.00
N LEU A 28 10.93 -7.40 15.14
CA LEU A 28 10.60 -8.13 16.36
C LEU A 28 11.59 -9.27 16.59
N ALA A 29 11.98 -9.96 15.52
CA ALA A 29 12.94 -11.05 15.65
C ALA A 29 14.29 -10.53 16.13
N LEU A 30 14.82 -9.50 15.47
CA LEU A 30 16.10 -8.93 15.88
C LEU A 30 16.05 -8.43 17.31
N SER A 31 14.94 -7.76 17.68
CA SER A 31 14.83 -7.22 19.03
C SER A 31 14.77 -8.34 20.08
N LEU A 32 13.93 -9.35 19.84
CA LEU A 32 13.93 -10.51 20.72
C LEU A 32 15.31 -11.15 20.82
N SER A 33 16.07 -11.13 19.72
CA SER A 33 17.44 -11.65 19.75
C SER A 33 18.33 -10.79 20.63
N GLN A 34 18.25 -9.47 20.47
CA GLN A 34 19.08 -8.57 21.27
C GLN A 34 18.74 -8.65 22.77
N ALA A 35 17.56 -9.13 23.12
CA ALA A 35 17.16 -9.28 24.51
C ALA A 35 17.54 -10.63 25.09
N GLY A 36 18.29 -11.45 24.35
CA GLY A 36 18.82 -12.70 24.87
C GLY A 36 17.96 -13.93 24.65
N TYR A 37 16.92 -13.84 23.83
CA TYR A 37 16.04 -14.97 23.57
C TYR A 37 16.42 -15.67 22.28
N SER A 38 16.32 -17.00 22.27
CA SER A 38 16.38 -17.75 21.02
C SER A 38 15.07 -17.57 20.26
N VAL A 39 15.19 -17.32 18.96
CA VAL A 39 14.04 -16.90 18.15
C VAL A 39 14.03 -17.66 16.84
N GLY A 40 12.85 -18.14 16.44
CA GLY A 40 12.64 -18.69 15.12
C GLY A 40 11.59 -17.88 14.37
N VAL A 41 11.66 -17.92 13.05
CA VAL A 41 10.74 -17.16 12.20
C VAL A 41 10.20 -18.09 11.12
N LEU A 42 8.89 -18.30 11.11
CA LEU A 42 8.22 -19.12 10.11
C LEU A 42 7.50 -18.18 9.14
N ASP A 43 8.02 -18.07 7.92
CA ASP A 43 7.43 -17.24 6.89
C ASP A 43 6.50 -18.09 6.04
N VAL A 44 5.20 -17.82 6.12
CA VAL A 44 4.22 -18.52 5.29
C VAL A 44 3.43 -17.49 4.48
N ASP A 45 4.05 -16.35 4.20
CA ASP A 45 3.42 -15.24 3.49
C ASP A 45 4.16 -15.06 2.16
N LEU A 46 3.67 -15.78 1.13
CA LEU A 46 4.36 -15.80 -0.15
C LEU A 46 4.27 -14.46 -0.87
N THR A 47 3.11 -13.80 -0.79
CA THR A 47 2.93 -12.55 -1.53
C THR A 47 3.80 -11.42 -0.98
N GLY A 48 4.17 -11.48 0.29
CA GLY A 48 4.92 -10.40 0.91
C GLY A 48 6.38 -10.45 0.56
N PRO A 49 7.11 -9.45 1.05
CA PRO A 49 8.57 -9.44 0.85
C PRO A 49 9.22 -10.66 1.48
N SER A 50 10.18 -11.23 0.75
CA SER A 50 10.88 -12.42 1.23
C SER A 50 11.60 -12.13 2.54
N ILE A 51 11.21 -12.81 3.61
CA ILE A 51 11.85 -12.65 4.91
C ILE A 51 13.27 -13.18 4.85
N PRO A 52 13.55 -14.33 4.23
CA PRO A 52 14.97 -14.69 4.06
C PRO A 52 15.82 -13.61 3.43
N ARG A 53 15.32 -12.94 2.39
CA ARG A 53 16.08 -11.84 1.79
C ARG A 53 16.31 -10.73 2.80
N MET A 54 15.39 -10.53 3.75
CA MET A 54 15.58 -9.50 4.77
C MET A 54 16.72 -9.85 5.71
N PHE A 55 16.81 -11.12 6.12
CA PHE A 55 17.90 -11.58 6.96
C PHE A 55 19.18 -11.89 6.18
N ALA A 56 19.18 -11.64 4.87
CA ALA A 56 20.36 -11.86 4.01
C ALA A 56 20.83 -13.31 4.08
N VAL A 57 19.88 -14.23 3.94
CA VAL A 57 20.19 -15.66 3.83
C VAL A 57 19.35 -16.26 2.72
N GLU A 58 18.98 -15.45 1.74
CA GLU A 58 18.09 -15.94 0.68
C GLU A 58 18.77 -16.96 -0.22
N ASP A 59 20.10 -16.95 -0.31
CA ASP A 59 20.83 -17.88 -1.14
C ASP A 59 21.34 -19.09 -0.36
N ALA A 60 20.84 -19.31 0.85
CA ALA A 60 21.23 -20.46 1.63
C ALA A 60 20.65 -21.75 1.05
N LYS A 61 21.32 -22.86 1.34
CA LYS A 61 20.86 -24.19 0.92
C LYS A 61 20.31 -24.88 2.17
N VAL A 62 18.98 -24.88 2.31
CA VAL A 62 18.34 -25.47 3.48
C VAL A 62 18.56 -26.98 3.49
N LYS A 63 18.83 -27.53 4.66
CA LYS A 63 19.20 -28.92 4.82
C LYS A 63 18.02 -29.72 5.38
N GLN A 64 18.07 -31.03 5.18
CA GLN A 64 17.02 -31.94 5.61
C GLN A 64 17.52 -32.77 6.77
N GLY A 65 16.84 -32.67 7.91
CA GLY A 65 17.18 -33.44 9.08
C GLY A 65 16.40 -34.73 9.18
N SER A 66 15.71 -34.92 10.31
CA SER A 66 15.07 -36.20 10.63
C SER A 66 13.61 -36.14 10.19
N GLY A 67 13.39 -36.33 8.89
CA GLY A 67 12.05 -36.31 8.35
C GLY A 67 11.49 -34.94 8.12
N GLY A 68 12.32 -33.91 8.10
CA GLY A 68 11.84 -32.56 7.90
C GLY A 68 12.97 -31.59 7.59
N TRP A 69 12.59 -30.34 7.35
CA TRP A 69 13.53 -29.30 7.01
C TRP A 69 14.15 -28.68 8.25
N LEU A 70 15.45 -28.42 8.19
CA LEU A 70 16.12 -27.77 9.31
C LEU A 70 16.13 -26.26 9.10
N PRO A 71 15.78 -25.46 10.11
CA PRO A 71 15.79 -24.01 9.92
C PRO A 71 17.19 -23.50 9.68
N VAL A 72 17.28 -22.42 8.93
CA VAL A 72 18.56 -21.82 8.58
C VAL A 72 18.97 -20.87 9.69
N VAL A 73 20.23 -20.98 10.13
CA VAL A 73 20.75 -20.14 11.20
C VAL A 73 21.22 -18.82 10.61
N VAL A 74 20.57 -17.72 11.00
CA VAL A 74 21.03 -16.40 10.62
C VAL A 74 22.28 -16.04 11.42
N HIS A 75 22.22 -16.23 12.74
CA HIS A 75 23.35 -16.09 13.63
C HIS A 75 23.07 -16.97 14.85
N GLU A 76 24.13 -17.39 15.52
CA GLU A 76 23.97 -18.23 16.69
C GLU A 76 24.08 -17.37 17.95
N ALA A 77 23.84 -18.01 19.10
CA ALA A 77 23.88 -17.30 20.36
C ALA A 77 25.28 -16.79 20.66
N ASN A 78 25.34 -15.66 21.36
CA ASN A 78 26.62 -15.07 21.77
C ASN A 78 26.41 -14.54 23.18
N PRO A 79 26.66 -15.36 24.20
CA PRO A 79 26.43 -14.91 25.58
C PRO A 79 27.21 -13.65 25.94
N SER A 80 28.39 -13.45 25.35
CA SER A 80 29.13 -12.22 25.56
C SER A 80 28.29 -10.99 25.20
N THR A 81 27.76 -10.97 23.99
CA THR A 81 26.92 -9.87 23.53
C THR A 81 25.53 -9.91 24.14
N GLY A 82 25.13 -11.02 24.74
CA GLY A 82 23.78 -11.13 25.25
C GLY A 82 22.72 -11.26 24.18
N ILE A 83 23.11 -11.66 22.96
CA ILE A 83 22.15 -11.94 21.90
C ILE A 83 21.88 -13.44 21.88
N GLY A 84 20.69 -13.80 21.42
CA GLY A 84 20.32 -15.18 21.31
C GLY A 84 20.32 -15.65 19.87
N SER A 85 20.32 -16.97 19.66
CA SER A 85 20.26 -17.56 18.33
C SER A 85 19.06 -17.06 17.55
N LEU A 86 19.16 -17.07 16.22
CA LEU A 86 18.08 -16.61 15.35
C LEU A 86 18.02 -17.50 14.12
N ARG A 87 16.92 -18.25 13.99
CA ARG A 87 16.70 -19.14 12.86
C ARG A 87 15.49 -18.65 12.07
N VAL A 88 15.53 -18.91 10.76
CA VAL A 88 14.42 -18.59 9.88
C VAL A 88 14.16 -19.79 8.99
N MET A 89 12.88 -19.97 8.62
CA MET A 89 12.48 -20.98 7.66
C MET A 89 11.31 -20.42 6.87
N SER A 90 11.41 -20.47 5.55
CA SER A 90 10.41 -19.89 4.67
C SER A 90 10.20 -20.78 3.46
N LEU A 91 9.07 -20.59 2.79
CA LEU A 91 8.82 -21.32 1.56
C LEU A 91 9.79 -20.91 0.45
N GLY A 92 10.22 -19.64 0.46
CA GLY A 92 11.16 -19.15 -0.54
C GLY A 92 12.51 -19.84 -0.51
N PHE A 93 12.78 -20.65 0.52
CA PHE A 93 13.99 -21.48 0.52
C PHE A 93 13.87 -22.67 -0.42
N LEU A 94 12.64 -23.09 -0.75
CA LEU A 94 12.41 -24.35 -1.43
C LEU A 94 11.67 -24.23 -2.76
N LEU A 95 11.21 -23.05 -3.12
CA LEU A 95 10.57 -22.90 -4.42
C LEU A 95 11.42 -22.01 -5.32
N PRO A 96 11.63 -22.39 -6.59
CA PRO A 96 12.44 -21.60 -7.50
C PRO A 96 11.75 -20.31 -7.96
N TRP A 104 0.90 -24.49 -7.73
CA TRP A 104 -0.27 -24.79 -6.92
C TRP A 104 -1.13 -23.56 -6.70
N ARG A 105 -2.45 -23.73 -6.76
CA ARG A 105 -3.37 -22.71 -6.27
C ARG A 105 -4.69 -23.37 -5.93
N GLY A 106 -5.43 -22.72 -5.03
CA GLY A 106 -6.66 -23.28 -4.51
C GLY A 106 -6.43 -23.99 -3.20
N PRO A 107 -7.26 -24.99 -2.89
CA PRO A 107 -7.02 -25.80 -1.68
C PRO A 107 -5.69 -26.51 -1.70
N LYS A 108 -5.13 -26.79 -2.88
CA LYS A 108 -3.86 -27.48 -2.97
C LYS A 108 -2.71 -26.62 -2.46
N LYS A 109 -2.75 -25.31 -2.75
CA LYS A 109 -1.71 -24.42 -2.26
C LYS A 109 -1.64 -24.42 -0.74
N THR A 110 -2.80 -24.31 -0.09
CA THR A 110 -2.81 -24.28 1.37
C THR A 110 -2.54 -25.66 1.97
N ALA A 111 -2.90 -26.72 1.25
CA ALA A 111 -2.52 -28.06 1.69
C ALA A 111 -1.00 -28.20 1.76
N MET A 112 -0.31 -27.74 0.71
CA MET A 112 1.15 -27.81 0.70
C MET A 112 1.76 -26.92 1.77
N VAL A 113 1.17 -25.74 2.01
CA VAL A 113 1.70 -24.84 3.03
C VAL A 113 1.48 -25.43 4.41
N ARG A 114 0.32 -26.06 4.65
CA ARG A 114 0.11 -26.74 5.92
C ARG A 114 1.08 -27.90 6.09
N GLN A 115 1.31 -28.67 5.02
CA GLN A 115 2.26 -29.76 5.10
C GLN A 115 3.69 -29.25 5.28
N PHE A 116 4.01 -28.12 4.63
CA PHE A 116 5.33 -27.52 4.82
C PHE A 116 5.53 -27.13 6.28
N MET A 117 4.58 -26.41 6.87
CA MET A 117 4.64 -26.08 8.28
C MET A 117 4.86 -27.31 9.14
N SER A 118 4.17 -28.40 8.82
CA SER A 118 4.31 -29.63 9.60
C SER A 118 5.72 -30.21 9.50
N ASP A 119 6.43 -29.91 8.42
CA ASP A 119 7.71 -30.56 8.13
C ASP A 119 8.92 -29.80 8.65
N VAL A 120 8.73 -28.73 9.41
CA VAL A 120 9.86 -27.91 9.87
C VAL A 120 10.22 -28.35 11.28
N LEU A 121 11.50 -28.70 11.48
CA LEU A 121 12.00 -29.20 12.76
C LEU A 121 12.62 -28.03 13.51
N TRP A 122 11.89 -27.48 14.49
CA TRP A 122 12.30 -26.26 15.18
C TRP A 122 13.23 -26.50 16.36
N ASP A 123 12.96 -27.54 17.15
CA ASP A 123 13.77 -27.86 18.33
C ASP A 123 13.60 -26.81 19.41
N GLU A 124 14.64 -26.59 20.22
CA GLU A 124 14.56 -25.67 21.35
C GLU A 124 14.40 -24.23 20.86
N LEU A 125 13.47 -23.49 21.48
CA LEU A 125 13.14 -22.16 21.01
C LEU A 125 12.39 -21.41 22.09
N ASP A 126 12.80 -20.16 22.35
CA ASP A 126 12.06 -19.29 23.25
C ASP A 126 10.84 -18.69 22.57
N PHE A 127 11.02 -18.16 21.36
CA PHE A 127 9.95 -17.50 20.61
C PHE A 127 9.96 -17.97 19.18
N LEU A 128 8.79 -18.33 18.67
CA LEU A 128 8.58 -18.61 17.25
C LEU A 128 7.63 -17.56 16.70
N LEU A 129 8.13 -16.71 15.81
CA LEU A 129 7.30 -15.72 15.12
C LEU A 129 6.82 -16.30 13.81
N VAL A 130 5.55 -16.07 13.48
CA VAL A 130 4.90 -16.67 12.33
C VAL A 130 4.36 -15.55 11.45
N ASP A 131 5.00 -15.33 10.31
CA ASP A 131 4.56 -14.31 9.35
C ASP A 131 3.46 -14.91 8.50
N THR A 132 2.22 -14.58 8.83
CA THR A 132 1.06 -15.18 8.20
C THR A 132 0.67 -14.40 6.95
N PRO A 133 -0.05 -15.03 6.02
CA PRO A 133 -0.60 -14.27 4.89
C PRO A 133 -1.69 -13.32 5.37
N PRO A 134 -1.81 -12.15 4.75
CA PRO A 134 -2.82 -11.18 5.21
C PRO A 134 -4.23 -11.71 4.97
N GLY A 135 -5.20 -10.93 5.44
CA GLY A 135 -6.59 -11.26 5.23
C GLY A 135 -7.06 -12.39 6.12
N THR A 136 -8.35 -12.69 6.00
CA THR A 136 -9.03 -13.67 6.84
C THR A 136 -9.80 -14.69 6.00
N SER A 137 -9.28 -15.03 4.83
CA SER A 137 -9.94 -16.01 3.99
C SER A 137 -10.02 -17.35 4.71
N ASP A 138 -10.90 -18.23 4.22
CA ASP A 138 -11.08 -19.52 4.86
C ASP A 138 -9.84 -20.39 4.72
N GLU A 139 -9.10 -20.24 3.63
CA GLU A 139 -7.81 -20.92 3.49
C GLU A 139 -6.88 -20.55 4.63
N HIS A 140 -6.68 -19.24 4.86
CA HIS A 140 -5.78 -18.80 5.92
C HIS A 140 -6.30 -19.20 7.29
N ILE A 141 -7.63 -19.17 7.46
CA ILE A 141 -8.23 -19.68 8.70
C ILE A 141 -7.81 -21.12 8.94
N SER A 142 -7.77 -21.93 7.88
CA SER A 142 -7.31 -23.31 8.00
C SER A 142 -5.87 -23.38 8.51
N LEU A 143 -5.01 -22.48 8.03
CA LEU A 143 -3.64 -22.43 8.54
C LEU A 143 -3.64 -22.12 10.03
N ALA A 144 -4.45 -21.15 10.46
CA ALA A 144 -4.54 -20.83 11.87
C ALA A 144 -5.07 -22.00 12.69
N GLU A 145 -6.10 -22.69 12.17
CA GLU A 145 -6.66 -23.84 12.87
C GLU A 145 -5.60 -24.92 13.08
N THR A 146 -4.81 -25.23 12.05
CA THR A 146 -3.73 -26.22 12.18
C THR A 146 -2.80 -25.86 13.33
N LEU A 147 -2.35 -24.61 13.38
CA LEU A 147 -1.47 -24.20 14.46
C LEU A 147 -2.16 -24.37 15.81
N LEU A 148 -3.43 -24.00 15.91
CA LEU A 148 -4.17 -24.14 17.17
C LEU A 148 -4.21 -25.59 17.66
N GLN A 149 -4.29 -26.55 16.73
CA GLN A 149 -4.39 -27.95 17.15
C GLN A 149 -3.04 -28.47 17.64
N GLU A 150 -1.97 -28.23 16.89
CA GLU A 150 -0.65 -28.70 17.28
C GLU A 150 -0.05 -27.94 18.45
N ALA A 151 -0.74 -26.94 18.99
CA ALA A 151 -0.20 -26.11 20.06
C ALA A 151 -0.74 -26.54 21.41
N ARG A 152 0.14 -26.56 22.41
CA ARG A 152 -0.20 -26.94 23.76
C ARG A 152 -0.87 -25.77 24.49
N PRO A 153 -1.68 -26.05 25.53
CA PRO A 153 -2.57 -25.00 26.07
C PRO A 153 -1.91 -23.68 26.42
N GLY A 154 -0.65 -23.68 26.84
CA GLY A 154 0.04 -22.44 27.12
C GLY A 154 0.94 -21.94 26.02
N GLN A 155 1.00 -22.64 24.89
CA GLN A 155 2.06 -22.42 23.91
C GLN A 155 1.77 -21.23 23.00
N LEU A 156 0.56 -21.16 22.46
CA LEU A 156 0.21 -20.08 21.53
C LEU A 156 -0.01 -18.79 22.32
N SER A 157 0.98 -17.89 22.26
CA SER A 157 0.93 -16.69 23.10
C SER A 157 -0.12 -15.71 22.63
N GLY A 158 -0.21 -15.50 21.32
CA GLY A 158 -1.23 -14.61 20.79
C GLY A 158 -0.84 -14.08 19.43
N ALA A 159 -1.57 -13.06 19.00
CA ALA A 159 -1.42 -12.45 17.69
C ALA A 159 -1.04 -10.99 17.84
N ILE A 160 -0.14 -10.53 16.96
CA ILE A 160 0.20 -9.13 16.81
C ILE A 160 -0.40 -8.65 15.49
N VAL A 161 -1.21 -7.61 15.54
CA VAL A 161 -1.89 -7.10 14.36
C VAL A 161 -1.17 -5.85 13.88
N VAL A 162 -0.69 -5.88 12.65
CA VAL A 162 0.01 -4.76 12.05
C VAL A 162 -0.96 -4.00 11.17
N THR A 163 -0.99 -2.67 11.32
CA THR A 163 -1.89 -1.82 10.56
C THR A 163 -1.15 -0.52 10.25
N THR A 164 -1.76 0.28 9.36
CA THR A 164 -1.18 1.57 8.90
C THR A 164 -2.15 2.72 9.19
N PRO A 165 -1.65 3.82 9.76
CA PRO A 165 -2.51 4.96 10.07
C PRO A 165 -3.16 5.57 8.81
N GLN A 166 -2.40 5.66 7.71
CA GLN A 166 -2.89 6.24 6.44
C GLN A 166 -4.14 5.50 5.95
N ALA A 167 -4.16 4.16 6.08
CA ALA A 167 -5.33 3.37 5.62
C ALA A 167 -6.58 3.80 6.41
N VAL A 168 -7.68 4.04 5.68
CA VAL A 168 -8.97 4.45 6.32
C VAL A 168 -9.81 3.19 6.58
N ALA A 169 -9.29 2.03 6.20
CA ALA A 169 -10.01 0.75 6.38
C ALA A 169 -9.75 0.22 7.80
N THR A 170 -10.36 0.85 8.81
CA THR A 170 -10.20 0.43 10.22
C THR A 170 -10.75 -1.00 10.36
N ALA A 171 -11.89 -1.27 9.72
CA ALA A 171 -12.51 -2.59 9.77
C ALA A 171 -11.50 -3.70 9.50
N ASP A 172 -10.45 -3.43 8.72
CA ASP A 172 -9.37 -4.40 8.55
C ASP A 172 -8.89 -4.91 9.89
N VAL A 173 -8.48 -3.96 10.74
CA VAL A 173 -8.18 -4.27 12.15
C VAL A 173 -9.30 -5.12 12.74
N ARG A 174 -10.54 -4.64 12.65
CA ARG A 174 -11.67 -5.31 13.29
C ARG A 174 -11.78 -6.77 12.87
N LYS A 175 -11.72 -7.05 11.56
CA LYS A 175 -11.87 -8.44 11.11
C LYS A 175 -10.73 -9.32 11.57
N GLU A 176 -9.59 -8.74 11.94
CA GLU A 176 -8.52 -9.53 12.56
C GLU A 176 -8.84 -9.86 14.00
N LEU A 177 -9.27 -8.86 14.78
CA LEU A 177 -9.52 -9.09 16.21
C LEU A 177 -10.84 -9.81 16.44
N ASN A 178 -11.82 -9.62 15.56
CA ASN A 178 -12.98 -10.52 15.56
C ASN A 178 -12.53 -11.96 15.35
N PHE A 179 -11.66 -12.18 14.36
CA PHE A 179 -11.22 -13.52 14.03
C PHE A 179 -10.37 -14.12 15.14
N CYS A 180 -9.52 -13.30 15.77
CA CYS A 180 -8.77 -13.78 16.93
C CYS A 180 -9.69 -14.18 18.07
N LYS A 181 -10.75 -13.38 18.31
CA LYS A 181 -11.71 -13.75 19.35
C LYS A 181 -12.58 -14.91 18.92
N LYS A 182 -12.81 -15.07 17.61
CA LYS A 182 -13.59 -16.21 17.14
C LYS A 182 -12.80 -17.51 17.28
N THR A 183 -11.52 -17.48 16.92
CA THR A 183 -10.66 -18.66 17.08
C THR A 183 -10.10 -18.80 18.49
N GLY A 184 -10.40 -17.85 19.38
CA GLY A 184 -9.86 -17.92 20.72
C GLY A 184 -8.38 -17.61 20.81
N ILE A 185 -7.86 -16.78 19.91
CA ILE A 185 -6.46 -16.39 19.91
C ILE A 185 -6.34 -15.03 20.60
N ARG A 186 -5.52 -14.98 21.65
CA ARG A 186 -5.27 -13.73 22.35
C ARG A 186 -4.64 -12.70 21.41
N VAL A 187 -4.96 -11.43 21.64
CA VAL A 187 -4.39 -10.33 20.87
C VAL A 187 -3.35 -9.64 21.76
N LEU A 188 -2.08 -9.86 21.44
CA LEU A 188 -1.01 -9.23 22.22
C LEU A 188 -1.01 -7.72 22.04
N GLY A 189 -1.46 -7.22 20.91
CA GLY A 189 -1.52 -5.80 20.68
C GLY A 189 -1.57 -5.45 19.21
N VAL A 190 -1.65 -4.14 18.96
CA VAL A 190 -1.67 -3.58 17.63
C VAL A 190 -0.39 -2.78 17.43
N VAL A 191 0.20 -2.88 16.25
CA VAL A 191 1.35 -2.07 15.87
C VAL A 191 0.93 -1.24 14.67
N GLU A 192 0.86 0.08 14.86
CA GLU A 192 0.56 1.00 13.76
C GLU A 192 1.87 1.28 13.02
N ASN A 193 2.08 0.58 11.91
CA ASN A 193 3.30 0.72 11.13
C ASN A 193 3.15 1.82 10.09
N MET A 194 4.29 2.24 9.54
CA MET A 194 4.33 3.28 8.50
C MET A 194 3.71 4.57 8.99
N SER A 195 3.93 4.88 10.26
CA SER A 195 3.35 6.06 10.90
C SER A 195 4.45 7.09 11.04
N GLY A 196 4.58 7.94 10.03
CA GLY A 196 5.66 8.92 10.00
C GLY A 196 6.80 8.47 9.13
N PHE A 197 7.83 9.32 9.08
CA PHE A 197 8.94 9.09 8.17
C PHE A 197 10.20 9.76 8.71
N VAL A 198 11.24 8.97 8.94
CA VAL A 198 12.55 9.47 9.34
C VAL A 198 13.35 9.77 8.07
N CYS A 199 14.18 10.82 8.11
CA CYS A 199 14.87 11.21 6.89
C CYS A 199 16.38 11.15 7.03
N PRO A 200 17.08 10.76 5.95
CA PRO A 200 18.55 10.66 6.02
C PRO A 200 19.25 11.98 6.12
N ASN A 201 18.79 13.00 5.39
CA ASN A 201 19.45 14.30 5.41
C ASN A 201 19.46 14.92 6.81
N CYS A 202 18.57 14.47 7.71
CA CYS A 202 18.59 14.79 9.14
C CYS A 202 17.55 13.96 9.89
N SER A 203 17.88 13.53 11.11
CA SER A 203 17.00 12.66 11.86
C SER A 203 15.74 13.36 12.34
N GLU A 204 14.96 13.89 11.40
CA GLU A 204 13.68 14.52 11.72
C GLU A 204 12.55 13.61 11.26
N CYS A 205 11.74 13.13 12.20
CA CYS A 205 10.60 12.29 11.88
C CYS A 205 9.40 13.18 11.60
N THR A 206 8.69 12.90 10.51
CA THR A 206 7.54 13.69 10.08
C THR A 206 6.31 12.79 10.02
N ASN A 207 5.24 13.17 10.72
CA ASN A 207 4.00 12.43 10.65
C ASN A 207 2.84 13.41 10.66
N ILE A 208 1.89 13.21 9.76
CA ILE A 208 0.79 14.14 9.54
C ILE A 208 -0.56 13.51 9.85
N PHE A 209 -0.61 12.23 10.23
CA PHE A 209 -1.87 11.62 10.59
C PHE A 209 -2.17 11.88 12.08
N SER A 210 -3.22 11.24 12.59
CA SER A 210 -3.90 11.70 13.80
C SER A 210 -2.98 11.89 15.00
N SER A 211 -1.82 11.25 15.02
CA SER A 211 -0.89 11.32 16.16
C SER A 211 -1.56 10.81 17.42
N GLY A 212 -2.08 9.58 17.34
CA GLY A 212 -2.79 8.99 18.46
C GLY A 212 -4.12 8.39 18.03
N GLY A 213 -4.39 8.40 16.72
CA GLY A 213 -5.62 7.81 16.23
C GLY A 213 -5.64 6.30 16.40
N GLY A 214 -4.49 5.65 16.20
CA GLY A 214 -4.42 4.22 16.47
C GLY A 214 -4.46 3.91 17.94
N GLU A 215 -3.98 4.83 18.78
CA GLU A 215 -4.05 4.64 20.22
C GLU A 215 -5.50 4.60 20.69
N ILE A 216 -6.30 5.58 20.25
CA ILE A 216 -7.70 5.64 20.69
C ILE A 216 -8.52 4.51 20.06
N MET A 217 -8.18 4.09 18.84
CA MET A 217 -8.94 3.02 18.22
C MET A 217 -8.69 1.69 18.92
N ALA A 218 -7.47 1.49 19.41
CA ALA A 218 -7.17 0.26 20.17
C ALA A 218 -7.79 0.31 21.56
N ASN A 219 -7.91 1.50 22.14
CA ASN A 219 -8.63 1.64 23.40
C ASN A 219 -10.10 1.31 23.21
N ASP A 220 -10.72 1.81 22.14
CA ASP A 220 -12.12 1.52 21.85
C ASP A 220 -12.38 0.05 21.60
N PHE A 221 -11.37 -0.72 21.19
CA PHE A 221 -11.48 -2.16 21.02
C PHE A 221 -11.04 -2.94 22.24
N ASN A 222 -10.59 -2.24 23.29
CA ASN A 222 -10.06 -2.87 24.51
C ASN A 222 -8.91 -3.83 24.18
N VAL A 223 -8.04 -3.42 23.27
CA VAL A 223 -6.87 -4.20 22.93
C VAL A 223 -5.62 -3.39 23.18
N ARG A 224 -4.55 -4.08 23.54
CA ARG A 224 -3.28 -3.43 23.79
C ARG A 224 -2.81 -2.69 22.56
N PHE A 225 -2.27 -1.49 22.76
CA PHE A 225 -1.62 -0.72 21.72
C PHE A 225 -0.12 -0.79 21.98
N LEU A 226 0.60 -1.50 21.11
CA LEU A 226 2.02 -1.75 21.37
C LEU A 226 2.91 -0.59 20.95
N GLY A 227 2.56 0.13 19.90
CA GLY A 227 3.27 1.36 19.59
C GLY A 227 3.21 1.69 18.11
N ARG A 228 4.01 2.70 17.77
CA ARG A 228 3.97 3.40 16.50
C ARG A 228 5.34 3.32 15.85
N VAL A 229 5.39 2.90 14.58
CA VAL A 229 6.64 2.67 13.89
C VAL A 229 6.69 3.49 12.60
N PRO A 230 7.61 4.43 12.47
CA PRO A 230 7.70 5.23 11.25
C PRO A 230 8.50 4.52 10.17
N ILE A 231 8.41 5.06 8.96
CA ILE A 231 9.24 4.59 7.86
C ILE A 231 10.64 5.17 8.01
N ASP A 232 11.65 4.31 7.93
CA ASP A 232 13.05 4.74 7.88
C ASP A 232 13.66 4.09 6.65
N PRO A 233 13.89 4.84 5.57
CA PRO A 233 14.49 4.23 4.38
C PRO A 233 15.90 3.70 4.60
N GLN A 234 16.59 4.16 5.64
CA GLN A 234 17.91 3.61 5.93
C GLN A 234 17.83 2.19 6.45
N PHE A 235 16.72 1.82 7.09
CA PHE A 235 16.51 0.41 7.44
C PHE A 235 16.52 -0.44 6.18
N LEU A 236 15.92 0.04 5.10
CA LEU A 236 15.89 -0.72 3.86
C LEU A 236 17.27 -0.82 3.22
N VAL A 237 18.04 0.27 3.24
CA VAL A 237 19.37 0.20 2.65
C VAL A 237 20.31 -0.64 3.50
N LEU A 238 20.03 -0.75 4.81
CA LEU A 238 20.79 -1.69 5.63
C LEU A 238 20.41 -3.13 5.30
N ILE A 239 19.11 -3.40 5.16
CA ILE A 239 18.65 -4.72 4.77
C ILE A 239 19.20 -5.11 3.40
N GLU A 240 19.39 -4.13 2.52
CA GLU A 240 19.76 -4.40 1.14
C GLU A 240 21.26 -4.36 0.88
N THR A 241 21.99 -3.43 1.50
CA THR A 241 23.40 -3.25 1.23
C THR A 241 24.30 -3.43 2.45
N GLY A 242 23.75 -3.71 3.62
CA GLY A 242 24.55 -3.83 4.82
C GLY A 242 25.16 -2.53 5.30
N LYS A 243 24.74 -1.39 4.79
CA LYS A 243 25.27 -0.12 5.23
C LYS A 243 24.66 0.26 6.58
N ARG A 244 25.52 0.61 7.53
CA ARG A 244 25.04 1.05 8.84
C ARG A 244 24.29 2.36 8.70
N PRO A 245 23.09 2.49 9.28
CA PRO A 245 22.35 3.76 9.20
C PRO A 245 23.06 4.86 9.99
N ARG A 246 23.46 5.90 9.27
CA ARG A 246 24.01 7.11 9.86
C ARG A 246 22.97 8.23 9.80
N TYR A 247 22.93 9.08 10.82
CA TYR A 247 21.88 10.08 10.97
C TYR A 247 22.48 11.47 11.15
N PRO A 248 22.74 12.19 10.05
CA PRO A 248 23.14 13.61 10.11
C PRO A 248 22.08 14.47 10.78
N SER A 278 29.84 -6.34 10.22
CA SER A 278 29.52 -7.53 10.98
C SER A 278 28.05 -7.94 10.81
N LEU A 279 27.40 -8.32 11.91
CA LEU A 279 26.09 -8.96 11.84
C LEU A 279 24.98 -7.93 11.71
N LEU A 280 23.89 -8.37 11.04
CA LEU A 280 22.72 -7.51 10.90
C LEU A 280 22.14 -7.14 12.26
N VAL A 281 22.10 -8.10 13.19
CA VAL A 281 21.55 -7.85 14.51
C VAL A 281 22.31 -6.72 15.22
N ASP A 282 23.60 -6.59 14.93
CA ASP A 282 24.41 -5.55 15.57
C ASP A 282 24.40 -4.23 14.78
N LYS A 283 24.44 -4.30 13.45
CA LYS A 283 24.31 -3.09 12.65
C LYS A 283 22.95 -2.44 12.87
N TYR A 284 21.91 -3.26 13.02
CA TYR A 284 20.56 -2.75 13.26
C TYR A 284 20.47 -1.91 14.53
N ARG A 285 21.41 -2.10 15.47
CA ARG A 285 21.45 -1.26 16.67
C ARG A 285 21.64 0.21 16.33
N ASP A 286 22.13 0.52 15.13
CA ASP A 286 22.33 1.89 14.69
C ASP A 286 21.14 2.46 13.91
N CYS A 287 20.07 1.68 13.77
CA CYS A 287 18.87 2.13 13.07
C CYS A 287 17.93 2.80 14.06
N SER A 288 17.36 3.95 13.66
CA SER A 288 16.45 4.68 14.54
C SER A 288 15.28 3.84 15.01
N LEU A 289 14.86 2.85 14.20
CA LEU A 289 13.74 2.01 14.56
C LEU A 289 14.06 1.07 15.72
N ALA A 290 15.36 0.88 16.03
CA ALA A 290 15.72 -0.14 17.02
C ALA A 290 15.23 0.21 18.42
N PRO A 291 15.39 1.44 18.93
CA PRO A 291 14.81 1.74 20.25
C PRO A 291 13.31 1.61 20.29
N ILE A 292 12.63 1.86 19.16
CA ILE A 292 11.18 1.69 19.11
C ILE A 292 10.82 0.22 19.30
N PHE A 293 11.53 -0.66 18.60
CA PHE A 293 11.23 -2.08 18.72
C PHE A 293 11.74 -2.70 20.00
N ARG A 294 12.72 -2.08 20.66
CA ARG A 294 13.09 -2.53 22.00
C ARG A 294 11.92 -2.35 22.96
N ALA A 295 11.23 -1.22 22.88
CA ALA A 295 10.10 -0.98 23.77
C ALA A 295 8.91 -1.84 23.41
N ILE A 296 8.62 -2.00 22.11
CA ILE A 296 7.50 -2.85 21.71
C ILE A 296 7.75 -4.28 22.14
N THR A 297 8.93 -4.82 21.81
CA THR A 297 9.29 -6.17 22.24
C THR A 297 9.11 -6.36 23.73
N ALA A 298 9.60 -5.40 24.53
CA ALA A 298 9.52 -5.52 25.98
C ALA A 298 8.08 -5.61 26.45
N ASP A 299 7.19 -4.79 25.87
CA ASP A 299 5.78 -4.87 26.24
C ASP A 299 5.19 -6.23 25.86
N VAL A 300 5.55 -6.75 24.68
CA VAL A 300 5.07 -8.07 24.27
C VAL A 300 5.52 -9.13 25.27
N VAL A 301 6.77 -9.05 25.73
CA VAL A 301 7.28 -10.06 26.65
C VAL A 301 6.53 -10.02 27.97
N VAL A 302 6.23 -8.81 28.47
CA VAL A 302 5.46 -8.70 29.71
C VAL A 302 4.07 -9.29 29.52
N ALA A 303 3.43 -9.01 28.38
CA ALA A 303 2.12 -9.56 28.12
C ALA A 303 2.16 -11.08 28.00
N VAL A 304 3.23 -11.61 27.42
CA VAL A 304 3.32 -13.04 27.17
C VAL A 304 3.38 -13.82 28.48
N GLU A 305 4.29 -13.44 29.37
CA GLU A 305 4.55 -14.21 30.57
C GLU A 305 3.53 -13.92 31.69
N GLN A 306 2.42 -13.28 31.39
CA GLN A 306 1.37 -13.07 32.38
C GLN A 306 0.03 -13.58 31.85
N MET B 1 -23.86 11.27 -26.97
CA MET B 1 -24.77 12.33 -26.53
C MET B 1 -24.18 13.15 -25.40
N SER B 2 -23.53 12.47 -24.44
CA SER B 2 -22.92 13.16 -23.31
C SER B 2 -21.46 13.51 -23.57
N LEU B 3 -20.73 12.62 -24.24
CA LEU B 3 -19.32 12.81 -24.54
C LEU B 3 -19.08 13.27 -25.97
N SER B 4 -20.12 13.76 -26.66
CA SER B 4 -20.00 14.09 -28.07
C SER B 4 -19.07 15.26 -28.34
N GLN B 5 -18.72 16.04 -27.30
CA GLN B 5 -17.77 17.14 -27.46
C GLN B 5 -16.62 17.04 -26.46
N VAL B 6 -16.35 15.84 -25.96
CA VAL B 6 -15.18 15.59 -25.12
C VAL B 6 -14.07 15.06 -26.02
N LYS B 7 -12.98 15.82 -26.13
CA LYS B 7 -11.93 15.49 -27.09
C LYS B 7 -11.21 14.20 -26.70
N HIS B 8 -10.72 14.11 -25.47
CA HIS B 8 -9.84 13.04 -25.06
C HIS B 8 -10.31 12.43 -23.76
N ILE B 9 -10.40 11.10 -23.71
CA ILE B 9 -10.76 10.37 -22.50
C ILE B 9 -9.57 9.53 -22.09
N ILE B 10 -9.11 9.72 -20.85
CA ILE B 10 -8.00 8.96 -20.29
C ILE B 10 -8.50 8.20 -19.08
N LEU B 11 -8.22 6.91 -19.03
CA LEU B 11 -8.54 6.06 -17.88
C LEU B 11 -7.33 5.97 -16.98
N VAL B 12 -7.55 6.13 -15.68
CA VAL B 12 -6.50 5.99 -14.68
C VAL B 12 -6.68 4.63 -14.02
N LEU B 13 -5.70 3.75 -14.18
CA LEU B 13 -5.82 2.34 -13.85
C LEU B 13 -4.91 1.95 -12.69
N SER B 14 -5.30 0.87 -12.02
CA SER B 14 -4.52 0.27 -10.95
C SER B 14 -4.91 -1.19 -10.82
N GLY B 15 -3.92 -2.03 -10.53
CA GLY B 15 -4.17 -3.44 -10.30
C GLY B 15 -4.51 -3.73 -8.85
N LYS B 16 -4.14 -2.80 -7.97
CA LYS B 16 -4.48 -2.92 -6.55
C LYS B 16 -4.68 -1.53 -5.97
N GLY B 17 -5.65 -1.42 -5.07
CA GLY B 17 -5.86 -0.16 -4.38
C GLY B 17 -4.81 0.09 -3.32
N GLY B 18 -4.74 1.34 -2.86
CA GLY B 18 -3.74 1.75 -1.91
C GLY B 18 -2.50 2.35 -2.53
N VAL B 19 -2.47 2.51 -3.86
CA VAL B 19 -1.32 3.12 -4.53
C VAL B 19 -1.44 4.63 -4.64
N GLY B 20 -2.50 5.23 -4.10
CA GLY B 20 -2.72 6.65 -4.29
C GLY B 20 -3.14 7.00 -5.70
N LYS B 21 -3.85 6.11 -6.38
CA LYS B 21 -4.26 6.36 -7.75
C LYS B 21 -5.24 7.52 -7.84
N SER B 22 -6.06 7.73 -6.81
CA SER B 22 -6.97 8.87 -6.83
C SER B 22 -6.21 10.16 -6.58
N SER B 23 -5.09 10.12 -5.85
CA SER B 23 -4.21 11.28 -5.77
C SER B 23 -3.62 11.60 -7.13
N VAL B 24 -3.17 10.57 -7.85
CA VAL B 24 -2.59 10.78 -9.18
C VAL B 24 -3.61 11.42 -10.12
N THR B 25 -4.84 10.90 -10.12
CA THR B 25 -5.89 11.47 -10.94
C THR B 25 -6.12 12.94 -10.61
N THR B 26 -6.21 13.27 -9.32
CA THR B 26 -6.42 14.64 -8.89
C THR B 26 -5.34 15.57 -9.45
N GLN B 27 -4.08 15.14 -9.36
CA GLN B 27 -2.97 16.02 -9.72
C GLN B 27 -2.80 16.10 -11.23
N LEU B 28 -3.07 15.01 -11.95
CA LEU B 28 -3.16 15.08 -13.41
C LEU B 28 -4.20 16.11 -13.82
N ALA B 29 -5.36 16.07 -13.15
CA ALA B 29 -6.44 17.01 -13.48
C ALA B 29 -6.02 18.45 -13.23
N LEU B 30 -5.50 18.72 -12.03
CA LEU B 30 -5.04 20.07 -11.71
C LEU B 30 -3.96 20.53 -12.69
N SER B 31 -3.01 19.64 -13.01
CA SER B 31 -1.91 20.01 -13.89
C SER B 31 -2.39 20.32 -15.31
N LEU B 32 -3.28 19.48 -15.85
CA LEU B 32 -3.86 19.78 -17.15
C LEU B 32 -4.63 21.09 -17.13
N SER B 33 -5.31 21.38 -16.01
CA SER B 33 -6.01 22.65 -15.89
C SER B 33 -5.04 23.82 -15.73
N GLN B 34 -3.87 23.59 -15.13
CA GLN B 34 -2.88 24.66 -15.03
C GLN B 34 -2.24 24.95 -16.38
N ALA B 35 -2.24 23.97 -17.29
CA ALA B 35 -1.76 24.17 -18.65
C ALA B 35 -2.81 24.83 -19.54
N GLY B 36 -3.99 25.11 -19.02
CA GLY B 36 -5.01 25.80 -19.78
C GLY B 36 -6.01 24.92 -20.48
N TYR B 37 -6.15 23.65 -20.09
CA TYR B 37 -7.15 22.77 -20.66
C TYR B 37 -8.39 22.72 -19.77
N SER B 38 -9.55 22.54 -20.41
CA SER B 38 -10.78 22.25 -19.67
C SER B 38 -10.77 20.77 -19.30
N VAL B 39 -10.85 20.49 -18.01
CA VAL B 39 -10.64 19.15 -17.48
C VAL B 39 -11.91 18.67 -16.79
N GLY B 40 -12.32 17.44 -17.09
CA GLY B 40 -13.34 16.76 -16.33
C GLY B 40 -12.73 15.57 -15.63
N VAL B 41 -13.28 15.21 -14.48
CA VAL B 41 -12.90 14.02 -13.75
C VAL B 41 -14.16 13.25 -13.40
N LEU B 42 -14.29 12.04 -13.93
CA LEU B 42 -15.37 11.15 -13.58
C LEU B 42 -14.83 10.08 -12.64
N ASP B 43 -15.39 10.01 -11.43
CA ASP B 43 -14.95 9.05 -10.43
C ASP B 43 -15.95 7.91 -10.35
N VAL B 44 -15.52 6.72 -10.77
CA VAL B 44 -16.31 5.51 -10.66
C VAL B 44 -15.62 4.48 -9.76
N ASP B 45 -14.66 4.94 -8.95
CA ASP B 45 -13.94 4.10 -8.00
C ASP B 45 -14.53 4.36 -6.61
N LEU B 46 -15.66 3.70 -6.34
CA LEU B 46 -16.33 3.91 -5.07
C LEU B 46 -15.62 3.25 -3.90
N THR B 47 -14.74 2.29 -4.15
CA THR B 47 -13.95 1.72 -3.06
C THR B 47 -12.81 2.65 -2.66
N GLY B 48 -12.07 3.17 -3.66
CA GLY B 48 -10.96 4.03 -3.39
C GLY B 48 -11.38 5.37 -2.83
N PRO B 49 -10.39 6.21 -2.51
CA PRO B 49 -10.69 7.51 -1.89
C PRO B 49 -11.60 8.37 -2.75
N SER B 50 -12.37 9.22 -2.08
CA SER B 50 -13.33 10.09 -2.75
C SER B 50 -12.60 11.22 -3.48
N ILE B 51 -12.74 11.29 -4.79
CA ILE B 51 -12.15 12.36 -5.60
C ILE B 51 -12.84 13.69 -5.29
N PRO B 52 -14.17 13.77 -5.21
CA PRO B 52 -14.79 15.04 -4.77
C PRO B 52 -14.30 15.51 -3.40
N ARG B 53 -14.00 14.57 -2.50
CA ARG B 53 -13.41 14.95 -1.21
C ARG B 53 -12.07 15.64 -1.39
N MET B 54 -11.25 15.14 -2.33
CA MET B 54 -9.95 15.76 -2.58
C MET B 54 -10.10 17.15 -3.17
N PHE B 55 -11.13 17.37 -3.99
CA PHE B 55 -11.42 18.67 -4.56
C PHE B 55 -12.27 19.55 -3.63
N ALA B 56 -12.53 19.08 -2.41
CA ALA B 56 -13.27 19.85 -1.40
C ALA B 56 -14.67 20.24 -1.87
N VAL B 57 -15.32 19.34 -2.62
CA VAL B 57 -16.70 19.57 -3.05
C VAL B 57 -17.56 18.35 -2.72
N GLU B 58 -17.16 17.56 -1.72
CA GLU B 58 -17.95 16.38 -1.39
C GLU B 58 -19.33 16.72 -0.82
N ASP B 59 -19.54 17.97 -0.40
CA ASP B 59 -20.82 18.41 0.12
C ASP B 59 -21.63 19.22 -0.88
N ALA B 60 -21.16 19.31 -2.12
CA ALA B 60 -21.85 20.13 -3.12
C ALA B 60 -23.10 19.42 -3.62
N LYS B 61 -24.09 20.22 -4.01
CA LYS B 61 -25.32 19.71 -4.61
C LYS B 61 -25.13 19.59 -6.11
N VAL B 62 -25.37 18.39 -6.65
CA VAL B 62 -25.34 18.20 -8.09
C VAL B 62 -26.59 18.83 -8.68
N LYS B 63 -26.40 19.86 -9.50
CA LYS B 63 -27.54 20.51 -10.15
C LYS B 63 -28.04 19.66 -11.31
N GLN B 64 -29.33 19.81 -11.61
CA GLN B 64 -29.96 19.12 -12.71
C GLN B 64 -30.35 20.13 -13.78
N GLY B 65 -29.78 19.98 -14.97
CA GLY B 65 -30.23 20.75 -16.11
C GLY B 65 -31.28 19.98 -16.89
N SER B 66 -31.77 20.61 -17.95
CA SER B 66 -32.72 19.92 -18.81
C SER B 66 -32.06 18.68 -19.40
N GLY B 67 -32.52 17.51 -18.96
CA GLY B 67 -32.07 16.27 -19.55
C GLY B 67 -30.73 15.73 -19.11
N GLY B 68 -30.18 16.20 -18.00
CA GLY B 68 -28.91 15.66 -17.56
C GLY B 68 -28.45 16.24 -16.23
N TRP B 69 -27.33 15.70 -15.76
CA TRP B 69 -26.69 16.14 -14.52
C TRP B 69 -25.54 17.08 -14.84
N LEU B 70 -25.46 18.18 -14.09
CA LEU B 70 -24.38 19.14 -14.28
C LEU B 70 -23.22 18.77 -13.38
N PRO B 71 -22.01 18.56 -13.91
CA PRO B 71 -20.87 18.26 -13.05
C PRO B 71 -20.59 19.40 -12.07
N VAL B 72 -20.00 19.04 -10.93
CA VAL B 72 -19.71 20.00 -9.88
C VAL B 72 -18.46 20.80 -10.26
N VAL B 73 -18.54 22.12 -10.13
CA VAL B 73 -17.43 23.01 -10.50
C VAL B 73 -16.42 23.06 -9.36
N VAL B 74 -15.18 22.66 -9.66
CA VAL B 74 -14.09 22.89 -8.71
C VAL B 74 -13.58 24.32 -8.80
N HIS B 75 -13.20 24.74 -10.01
CA HIS B 75 -12.91 26.15 -10.27
C HIS B 75 -13.30 26.46 -11.71
N GLU B 76 -13.68 27.71 -11.94
CA GLU B 76 -13.99 28.15 -13.29
C GLU B 76 -12.72 28.39 -14.07
N ALA B 77 -12.88 28.45 -15.40
CA ALA B 77 -11.77 28.86 -16.25
C ALA B 77 -11.37 30.29 -15.93
N ASN B 78 -10.11 30.62 -16.20
CA ASN B 78 -9.59 31.97 -15.97
C ASN B 78 -8.62 32.31 -17.10
N PRO B 79 -9.07 33.09 -18.08
CA PRO B 79 -8.16 33.46 -19.19
C PRO B 79 -6.93 34.21 -18.75
N SER B 80 -7.08 35.18 -17.83
CA SER B 80 -5.95 36.04 -17.45
C SER B 80 -4.81 35.23 -16.86
N THR B 81 -5.12 34.21 -16.07
CA THR B 81 -4.10 33.34 -15.51
C THR B 81 -3.85 32.10 -16.35
N GLY B 82 -4.57 31.95 -17.46
CA GLY B 82 -4.35 30.82 -18.35
C GLY B 82 -4.68 29.46 -17.78
N ILE B 83 -5.63 29.38 -16.84
CA ILE B 83 -6.06 28.10 -16.30
C ILE B 83 -7.44 27.76 -16.86
N GLY B 84 -7.63 26.49 -17.21
CA GLY B 84 -8.91 26.04 -17.69
C GLY B 84 -9.82 25.56 -16.57
N SER B 85 -11.10 25.41 -16.89
CA SER B 85 -12.07 25.00 -15.89
C SER B 85 -11.82 23.56 -15.47
N LEU B 86 -12.37 23.21 -14.30
CA LEU B 86 -12.20 21.87 -13.74
C LEU B 86 -13.52 21.46 -13.09
N ARG B 87 -14.10 20.37 -13.57
CA ARG B 87 -15.39 19.89 -13.12
C ARG B 87 -15.31 18.39 -12.82
N VAL B 88 -16.13 17.95 -11.87
CA VAL B 88 -16.04 16.59 -11.35
C VAL B 88 -17.44 16.01 -11.21
N MET B 89 -17.55 14.70 -11.45
CA MET B 89 -18.77 13.95 -11.20
C MET B 89 -18.40 12.62 -10.56
N SER B 90 -19.14 12.24 -9.53
CA SER B 90 -18.87 11.01 -8.79
C SER B 90 -20.03 10.04 -8.90
N LEU B 91 -19.70 8.76 -9.10
CA LEU B 91 -20.71 7.72 -9.09
C LEU B 91 -21.40 7.60 -7.74
N GLY B 92 -20.77 8.10 -6.67
CA GLY B 92 -21.39 8.10 -5.35
C GLY B 92 -22.66 8.90 -5.27
N PHE B 93 -22.84 9.87 -6.18
CA PHE B 93 -24.12 10.58 -6.27
C PHE B 93 -25.25 9.62 -6.61
N LEU B 94 -25.02 8.69 -7.54
CA LEU B 94 -26.02 7.68 -7.83
C LEU B 94 -26.19 6.71 -6.68
N LEU B 95 -25.12 6.43 -5.93
CA LEU B 95 -25.18 5.46 -4.84
C LEU B 95 -24.92 6.13 -3.49
N TRP B 104 -24.22 -3.94 -4.42
CA TRP B 104 -25.55 -4.27 -3.92
C TRP B 104 -26.51 -4.58 -5.07
N ARG B 105 -25.95 -5.04 -6.19
CA ARG B 105 -26.75 -5.43 -7.36
C ARG B 105 -25.80 -6.14 -8.34
N GLY B 106 -26.36 -6.61 -9.45
CA GLY B 106 -25.60 -7.34 -10.44
C GLY B 106 -25.51 -6.62 -11.77
N PRO B 107 -26.06 -7.23 -12.83
CA PRO B 107 -25.95 -6.60 -14.15
C PRO B 107 -26.79 -5.35 -14.28
N LYS B 108 -27.96 -5.32 -13.63
CA LYS B 108 -28.79 -4.13 -13.62
C LYS B 108 -28.05 -2.92 -13.07
N LYS B 109 -27.15 -3.14 -12.10
CA LYS B 109 -26.37 -2.03 -11.58
C LYS B 109 -25.40 -1.51 -12.64
N THR B 110 -24.85 -2.40 -13.47
CA THR B 110 -24.05 -1.95 -14.60
C THR B 110 -24.88 -1.10 -15.56
N ALA B 111 -26.11 -1.53 -15.83
CA ALA B 111 -26.97 -0.78 -16.73
C ALA B 111 -27.27 0.61 -16.18
N MET B 112 -27.55 0.71 -14.89
CA MET B 112 -27.78 2.02 -14.27
C MET B 112 -26.52 2.87 -14.31
N VAL B 113 -25.36 2.29 -14.03
CA VAL B 113 -24.11 3.03 -14.11
C VAL B 113 -23.89 3.58 -15.51
N ARG B 114 -24.17 2.77 -16.53
CA ARG B 114 -24.00 3.23 -17.91
C ARG B 114 -24.95 4.36 -18.24
N GLN B 115 -26.22 4.24 -17.85
CA GLN B 115 -27.18 5.32 -18.06
C GLN B 115 -26.72 6.60 -17.36
N PHE B 116 -26.29 6.47 -16.10
CA PHE B 116 -25.87 7.64 -15.35
C PHE B 116 -24.74 8.38 -16.06
N MET B 117 -23.70 7.65 -16.46
CA MET B 117 -22.58 8.28 -17.14
C MET B 117 -23.03 8.94 -18.44
N SER B 118 -23.94 8.29 -19.17
CA SER B 118 -24.48 8.89 -20.38
C SER B 118 -25.41 10.06 -20.09
N ASP B 119 -25.71 10.34 -18.82
CA ASP B 119 -26.57 11.44 -18.43
C ASP B 119 -25.82 12.67 -17.96
N VAL B 120 -24.51 12.61 -17.86
CA VAL B 120 -23.71 13.73 -17.36
C VAL B 120 -23.47 14.71 -18.49
N LEU B 121 -23.83 15.98 -18.27
CA LEU B 121 -23.67 17.03 -19.28
C LEU B 121 -22.26 17.59 -19.19
N TRP B 122 -21.31 16.88 -19.81
CA TRP B 122 -19.92 17.32 -19.77
C TRP B 122 -19.69 18.51 -20.69
N ASP B 123 -20.47 18.63 -21.76
CA ASP B 123 -20.34 19.73 -22.74
C ASP B 123 -18.95 19.67 -23.37
N GLU B 124 -18.36 20.83 -23.68
CA GLU B 124 -17.04 20.87 -24.27
C GLU B 124 -15.98 20.51 -23.23
N LEU B 125 -15.06 19.64 -23.61
CA LEU B 125 -14.06 19.15 -22.68
C LEU B 125 -12.81 18.74 -23.45
N ASP B 126 -11.66 19.25 -23.02
CA ASP B 126 -10.40 18.84 -23.64
C ASP B 126 -9.97 17.46 -23.17
N PHE B 127 -10.10 17.18 -21.87
CA PHE B 127 -9.70 15.91 -21.28
C PHE B 127 -10.71 15.50 -20.23
N LEU B 128 -11.14 14.24 -20.29
CA LEU B 128 -11.94 13.63 -19.23
C LEU B 128 -11.13 12.48 -18.65
N LEU B 129 -10.65 12.66 -17.42
CA LEU B 129 -9.97 11.61 -16.70
C LEU B 129 -10.98 10.75 -15.96
N VAL B 130 -10.76 9.44 -15.98
CA VAL B 130 -11.64 8.47 -15.33
C VAL B 130 -10.87 7.80 -14.21
N ASP B 131 -11.41 7.90 -12.99
CA ASP B 131 -10.87 7.16 -11.85
C ASP B 131 -11.56 5.80 -11.84
N THR B 132 -10.92 4.80 -12.47
CA THR B 132 -11.50 3.47 -12.56
C THR B 132 -11.19 2.65 -11.32
N PRO B 133 -12.05 1.71 -10.93
CA PRO B 133 -11.76 0.88 -9.76
C PRO B 133 -10.49 0.08 -9.96
N PRO B 134 -9.87 -0.41 -8.89
CA PRO B 134 -8.68 -1.23 -9.04
C PRO B 134 -9.03 -2.66 -9.42
N GLY B 135 -8.04 -3.33 -10.01
CA GLY B 135 -8.16 -4.74 -10.33
C GLY B 135 -9.09 -5.06 -11.48
N THR B 136 -9.01 -6.28 -11.98
CA THR B 136 -9.85 -6.73 -13.07
C THR B 136 -10.91 -7.72 -12.58
N SER B 137 -11.70 -7.29 -11.59
CA SER B 137 -12.79 -8.12 -11.11
C SER B 137 -13.92 -8.13 -12.14
N ASP B 138 -14.55 -9.31 -12.29
CA ASP B 138 -15.58 -9.51 -13.30
C ASP B 138 -16.58 -8.37 -13.32
N GLU B 139 -16.89 -7.80 -12.16
CA GLU B 139 -17.78 -6.65 -12.11
C GLU B 139 -17.13 -5.43 -12.77
N HIS B 140 -15.82 -5.25 -12.54
CA HIS B 140 -15.13 -4.08 -13.08
C HIS B 140 -14.85 -4.22 -14.58
N ILE B 141 -14.56 -5.44 -15.04
CA ILE B 141 -14.24 -5.64 -16.45
C ILE B 141 -15.41 -5.22 -17.34
N SER B 142 -16.63 -5.57 -16.94
CA SER B 142 -17.81 -5.19 -17.72
C SER B 142 -17.98 -3.68 -17.75
N LEU B 143 -17.70 -2.99 -16.63
CA LEU B 143 -17.71 -1.53 -16.64
C LEU B 143 -16.66 -0.99 -17.59
N ALA B 144 -15.49 -1.62 -17.62
CA ALA B 144 -14.46 -1.19 -18.57
C ALA B 144 -14.94 -1.37 -20.02
N GLU B 145 -15.63 -2.49 -20.28
CA GLU B 145 -16.23 -2.67 -21.60
C GLU B 145 -17.28 -1.61 -21.90
N THR B 146 -18.06 -1.24 -20.89
CA THR B 146 -19.09 -0.21 -21.05
C THR B 146 -18.51 1.08 -21.58
N LEU B 147 -17.42 1.56 -20.96
CA LEU B 147 -16.75 2.77 -21.43
C LEU B 147 -16.32 2.63 -22.88
N LEU B 148 -15.63 1.54 -23.22
CA LEU B 148 -15.25 1.29 -24.60
C LEU B 148 -16.46 1.26 -25.53
N GLN B 149 -17.56 0.64 -25.09
CA GLN B 149 -18.73 0.51 -25.94
C GLN B 149 -19.33 1.87 -26.29
N GLU B 150 -19.40 2.77 -25.30
CA GLU B 150 -19.92 4.11 -25.51
C GLU B 150 -18.87 5.09 -26.01
N ALA B 151 -17.60 4.72 -26.01
CA ALA B 151 -16.57 5.59 -26.54
C ALA B 151 -16.66 5.66 -28.06
N ARG B 152 -16.19 6.76 -28.62
CA ARG B 152 -16.19 6.98 -30.06
C ARG B 152 -14.76 6.96 -30.59
N PRO B 153 -14.57 6.72 -31.89
CA PRO B 153 -13.20 6.55 -32.40
C PRO B 153 -12.33 7.78 -32.18
N GLY B 154 -11.07 7.54 -31.83
CA GLY B 154 -10.12 8.60 -31.56
C GLY B 154 -10.27 9.27 -30.22
N GLN B 155 -11.41 9.08 -29.55
CA GLN B 155 -11.66 9.78 -28.29
C GLN B 155 -10.84 9.20 -27.16
N LEU B 156 -10.88 7.88 -26.99
CA LEU B 156 -10.15 7.22 -25.90
C LEU B 156 -8.66 7.33 -26.16
N SER B 157 -8.03 8.31 -25.52
CA SER B 157 -6.59 8.49 -25.66
C SER B 157 -5.81 7.31 -25.12
N GLY B 158 -6.39 6.59 -24.15
CA GLY B 158 -5.75 5.43 -23.59
C GLY B 158 -5.80 5.47 -22.08
N ALA B 159 -4.86 4.78 -21.46
CA ALA B 159 -4.86 4.60 -20.02
C ALA B 159 -3.54 5.06 -19.41
N ILE B 160 -3.61 5.38 -18.12
CA ILE B 160 -2.44 5.65 -17.30
C ILE B 160 -2.47 4.64 -16.16
N VAL B 161 -1.41 3.86 -16.04
CA VAL B 161 -1.31 2.80 -15.04
C VAL B 161 -0.49 3.32 -13.87
N VAL B 162 -1.08 3.34 -12.68
CA VAL B 162 -0.41 3.82 -11.48
C VAL B 162 0.09 2.61 -10.68
N THR B 163 1.35 2.66 -10.27
CA THR B 163 1.93 1.59 -9.46
C THR B 163 2.74 2.15 -8.29
N THR B 164 3.47 1.29 -7.58
CA THR B 164 4.34 1.72 -6.50
C THR B 164 5.65 0.93 -6.62
N PRO B 165 6.76 1.50 -6.16
CA PRO B 165 7.97 0.67 -6.11
C PRO B 165 7.82 -0.46 -5.11
N GLN B 166 6.98 -0.28 -4.09
CA GLN B 166 6.99 -1.17 -2.94
C GLN B 166 6.57 -2.58 -3.30
N ALA B 167 5.69 -2.72 -4.29
CA ALA B 167 5.17 -4.03 -4.69
C ALA B 167 6.31 -4.97 -5.10
N VAL B 168 6.44 -6.06 -4.36
CA VAL B 168 7.43 -7.09 -4.72
C VAL B 168 7.01 -7.80 -5.98
N ALA B 169 5.74 -8.17 -6.07
CA ALA B 169 5.19 -8.81 -7.25
C ALA B 169 4.41 -7.78 -8.05
N THR B 170 4.78 -7.62 -9.33
CA THR B 170 4.12 -6.70 -10.22
C THR B 170 3.02 -7.37 -11.04
N ALA B 171 2.43 -8.43 -10.49
CA ALA B 171 1.41 -9.18 -11.21
C ALA B 171 0.15 -8.36 -11.48
N ASP B 172 -0.03 -7.25 -10.77
CA ASP B 172 -1.21 -6.41 -10.95
C ASP B 172 -0.98 -5.34 -12.01
N VAL B 173 0.21 -4.75 -12.06
CA VAL B 173 0.53 -3.88 -13.20
C VAL B 173 0.76 -4.73 -14.44
N ARG B 174 1.39 -5.90 -14.30
CA ARG B 174 1.40 -6.87 -15.39
C ARG B 174 -0.02 -7.20 -15.82
N LYS B 175 -0.92 -7.38 -14.84
CA LYS B 175 -2.30 -7.76 -15.15
C LYS B 175 -3.06 -6.64 -15.85
N GLU B 176 -2.99 -5.42 -15.30
CA GLU B 176 -3.68 -4.29 -15.91
C GLU B 176 -3.10 -3.99 -17.29
N LEU B 177 -1.78 -4.10 -17.44
CA LEU B 177 -1.17 -3.91 -18.76
C LEU B 177 -1.64 -4.98 -19.73
N ASN B 178 -1.61 -6.24 -19.31
CA ASN B 178 -2.05 -7.33 -20.18
C ASN B 178 -3.52 -7.17 -20.57
N PHE B 179 -4.36 -6.76 -19.61
CA PHE B 179 -5.76 -6.50 -19.95
C PHE B 179 -5.87 -5.41 -21.00
N CYS B 180 -5.09 -4.33 -20.84
CA CYS B 180 -5.13 -3.23 -21.79
C CYS B 180 -4.77 -3.71 -23.19
N LYS B 181 -3.63 -4.42 -23.31
CA LYS B 181 -3.26 -5.03 -24.59
C LYS B 181 -4.36 -5.95 -25.10
N LYS B 182 -4.94 -6.75 -24.21
CA LYS B 182 -5.96 -7.72 -24.63
C LYS B 182 -7.19 -7.02 -25.20
N THR B 183 -7.58 -5.89 -24.61
CA THR B 183 -8.78 -5.17 -25.03
C THR B 183 -8.48 -3.98 -25.94
N GLY B 184 -7.22 -3.71 -26.26
CA GLY B 184 -6.87 -2.65 -27.19
C GLY B 184 -6.70 -1.27 -26.58
N ILE B 185 -6.84 -1.14 -25.26
CA ILE B 185 -6.62 0.15 -24.62
C ILE B 185 -5.16 0.53 -24.77
N ARG B 186 -4.90 1.66 -25.42
CA ARG B 186 -3.53 2.15 -25.52
C ARG B 186 -3.03 2.57 -24.15
N VAL B 187 -1.80 2.19 -23.82
CA VAL B 187 -1.20 2.53 -22.54
C VAL B 187 -0.32 3.75 -22.76
N LEU B 188 -0.82 4.92 -22.34
CA LEU B 188 -0.08 6.16 -22.50
C LEU B 188 1.15 6.21 -21.60
N GLY B 189 1.17 5.46 -20.51
CA GLY B 189 2.35 5.40 -19.67
C GLY B 189 2.02 4.96 -18.27
N VAL B 190 3.08 4.62 -17.54
CA VAL B 190 3.00 4.16 -16.17
C VAL B 190 3.59 5.22 -15.25
N VAL B 191 2.93 5.46 -14.13
CA VAL B 191 3.38 6.42 -13.12
C VAL B 191 3.74 5.64 -11.86
N GLU B 192 4.93 5.89 -11.33
CA GLU B 192 5.39 5.22 -10.11
C GLU B 192 5.17 6.18 -8.95
N ASN B 193 4.06 6.00 -8.25
CA ASN B 193 3.73 6.86 -7.13
C ASN B 193 4.42 6.38 -5.86
N MET B 194 4.61 7.32 -4.92
CA MET B 194 5.23 7.03 -3.63
C MET B 194 6.64 6.48 -3.80
N SER B 195 7.41 7.11 -4.67
CA SER B 195 8.81 6.77 -4.92
C SER B 195 9.66 7.92 -4.41
N GLY B 196 10.00 7.87 -3.13
CA GLY B 196 10.77 8.91 -2.50
C GLY B 196 9.92 9.73 -1.54
N PHE B 197 10.58 10.74 -0.95
CA PHE B 197 9.94 11.53 0.10
C PHE B 197 10.40 12.98 -0.01
N VAL B 198 9.42 13.88 0.00
CA VAL B 198 9.63 15.30 0.19
C VAL B 198 9.03 15.66 1.53
N CYS B 199 9.70 16.51 2.29
CA CYS B 199 9.25 16.74 3.65
C CYS B 199 9.39 18.20 4.06
N PRO B 200 8.65 18.62 5.08
CA PRO B 200 8.55 20.05 5.41
C PRO B 200 9.78 20.64 6.09
N ASN B 201 10.54 19.87 6.86
CA ASN B 201 11.61 20.47 7.64
C ASN B 201 12.75 20.98 6.78
N CYS B 202 12.96 20.37 5.61
CA CYS B 202 13.85 20.87 4.57
C CYS B 202 13.42 20.24 3.25
N SER B 203 13.64 20.97 2.16
CA SER B 203 13.02 20.60 0.89
C SER B 203 13.65 19.36 0.25
N GLU B 204 14.75 18.84 0.80
CA GLU B 204 15.44 17.74 0.15
C GLU B 204 14.51 16.55 -0.11
N CYS B 205 14.40 16.19 -1.38
CA CYS B 205 13.67 15.01 -1.82
C CYS B 205 14.65 13.85 -1.91
N THR B 206 14.36 12.76 -1.21
CA THR B 206 15.27 11.63 -1.18
C THR B 206 14.50 10.33 -1.36
N ASN B 207 15.07 9.43 -2.16
CA ASN B 207 14.69 8.02 -2.20
C ASN B 207 15.99 7.24 -2.26
N ILE B 208 16.55 6.93 -1.09
CA ILE B 208 17.80 6.17 -1.05
C ILE B 208 17.59 4.71 -1.48
N PHE B 209 16.35 4.26 -1.56
CA PHE B 209 16.03 2.97 -2.17
C PHE B 209 15.51 3.21 -3.59
N SER B 210 16.45 3.64 -4.44
CA SER B 210 16.10 4.20 -5.75
C SER B 210 15.44 3.17 -6.64
N SER B 211 16.04 1.99 -6.78
CA SER B 211 15.58 1.01 -7.75
C SER B 211 14.20 0.46 -7.40
N GLY B 212 13.16 1.28 -7.61
CA GLY B 212 11.81 0.79 -7.47
C GLY B 212 11.42 -0.24 -8.51
N GLY B 213 12.20 -0.35 -9.59
CA GLY B 213 11.98 -1.37 -10.60
C GLY B 213 10.83 -1.12 -11.55
N GLY B 214 9.96 -0.14 -11.25
CA GLY B 214 8.84 0.13 -12.13
C GLY B 214 9.24 0.59 -13.53
N GLU B 215 10.44 1.15 -13.67
CA GLU B 215 10.90 1.58 -14.99
C GLU B 215 11.27 0.38 -15.86
N ILE B 216 12.05 -0.56 -15.32
CA ILE B 216 12.36 -1.78 -16.05
C ILE B 216 11.08 -2.53 -16.38
N MET B 217 10.10 -2.49 -15.48
CA MET B 217 8.78 -3.03 -15.77
C MET B 217 8.18 -2.39 -17.02
N ALA B 218 8.31 -1.06 -17.13
CA ALA B 218 7.84 -0.38 -18.33
C ALA B 218 8.63 -0.80 -19.56
N ASN B 219 9.92 -1.10 -19.38
CA ASN B 219 10.72 -1.60 -20.51
C ASN B 219 10.24 -2.96 -20.95
N ASP B 220 9.92 -3.85 -20.00
CA ASP B 220 9.52 -5.21 -20.35
C ASP B 220 8.26 -5.24 -21.20
N PHE B 221 7.41 -4.21 -21.08
CA PHE B 221 6.18 -4.15 -21.85
C PHE B 221 6.28 -3.19 -23.02
N ASN B 222 7.49 -2.70 -23.31
CA ASN B 222 7.69 -1.69 -24.36
C ASN B 222 6.70 -0.56 -24.19
N VAL B 223 6.45 -0.18 -22.92
CA VAL B 223 5.42 0.76 -22.57
C VAL B 223 6.05 1.97 -21.91
N ARG B 224 5.41 3.13 -22.08
CA ARG B 224 6.02 4.38 -21.68
C ARG B 224 6.07 4.49 -20.16
N PHE B 225 7.15 5.10 -19.66
CA PHE B 225 7.32 5.37 -18.24
C PHE B 225 7.25 6.87 -18.03
N LEU B 226 6.17 7.33 -17.41
CA LEU B 226 5.92 8.77 -17.27
C LEU B 226 6.70 9.42 -16.15
N GLY B 227 7.17 8.64 -15.16
CA GLY B 227 7.99 9.21 -14.11
C GLY B 227 7.64 8.74 -12.72
N ARG B 228 8.42 9.18 -11.73
CA ARG B 228 8.24 8.81 -10.34
C ARG B 228 7.68 10.00 -9.58
N VAL B 229 6.76 9.72 -8.66
CA VAL B 229 6.13 10.74 -7.82
C VAL B 229 6.52 10.46 -6.38
N PRO B 230 7.18 11.39 -5.69
CA PRO B 230 7.49 11.18 -4.28
C PRO B 230 6.27 11.48 -3.41
N ILE B 231 6.32 10.93 -2.19
CA ILE B 231 5.36 11.33 -1.17
C ILE B 231 5.69 12.74 -0.72
N ASP B 232 4.69 13.62 -0.74
CA ASP B 232 4.81 14.94 -0.13
C ASP B 232 3.69 15.08 0.88
N PRO B 233 3.97 14.99 2.19
CA PRO B 233 2.90 15.14 3.18
C PRO B 233 2.24 16.50 3.15
N GLN B 234 2.90 17.53 2.63
CA GLN B 234 2.23 18.81 2.46
C GLN B 234 1.15 18.76 1.39
N PHE B 235 1.19 17.78 0.49
CA PHE B 235 0.08 17.61 -0.43
C PHE B 235 -1.15 17.11 0.30
N LEU B 236 -0.97 16.10 1.15
CA LEU B 236 -2.10 15.54 1.90
C LEU B 236 -2.71 16.60 2.82
N VAL B 237 -1.87 17.42 3.46
CA VAL B 237 -2.38 18.53 4.28
C VAL B 237 -3.20 19.48 3.42
N LEU B 238 -2.67 19.85 2.26
CA LEU B 238 -3.36 20.78 1.37
C LEU B 238 -4.74 20.26 1.00
N ILE B 239 -4.83 18.98 0.63
CA ILE B 239 -6.11 18.40 0.28
C ILE B 239 -7.03 18.36 1.48
N GLU B 240 -6.49 18.00 2.65
CA GLU B 240 -7.31 17.74 3.82
C GLU B 240 -7.76 19.04 4.50
N THR B 241 -6.82 19.96 4.73
CA THR B 241 -7.08 21.16 5.51
C THR B 241 -7.06 22.43 4.70
N GLY B 242 -6.58 22.40 3.45
CA GLY B 242 -6.48 23.59 2.65
C GLY B 242 -5.21 24.40 2.85
N LYS B 243 -4.32 23.95 3.73
CA LYS B 243 -3.11 24.71 4.04
C LYS B 243 -2.17 24.74 2.84
N ARG B 244 -1.76 25.93 2.46
CA ARG B 244 -0.84 26.10 1.35
C ARG B 244 0.54 25.57 1.73
N PRO B 245 1.18 24.77 0.88
CA PRO B 245 2.50 24.23 1.23
C PRO B 245 3.57 25.32 1.33
N ARG B 246 4.48 25.12 2.28
CA ARG B 246 5.67 25.96 2.45
C ARG B 246 6.89 25.07 2.62
N TYR B 247 8.01 25.48 2.02
CA TYR B 247 9.23 24.69 2.05
C TYR B 247 10.39 25.55 2.53
N PRO B 248 10.92 25.32 3.73
CA PRO B 248 12.18 25.92 4.18
C PRO B 248 13.33 25.67 3.21
N THR B 274 -14.39 23.30 5.68
CA THR B 274 -13.63 22.62 4.64
C THR B 274 -12.92 23.64 3.74
N PRO B 275 -11.83 23.23 3.09
CA PRO B 275 -11.09 24.16 2.22
C PRO B 275 -11.96 24.71 1.10
N ASN B 276 -11.54 25.86 0.57
CA ASN B 276 -12.19 26.44 -0.60
C ASN B 276 -11.68 25.73 -1.85
N SER B 277 -12.61 25.20 -2.65
CA SER B 277 -12.22 24.38 -3.78
C SER B 277 -11.57 25.22 -4.88
N SER B 278 -12.05 26.43 -5.09
CA SER B 278 -11.49 27.28 -6.14
C SER B 278 -10.06 27.71 -5.86
N LEU B 279 -9.61 27.61 -4.60
CA LEU B 279 -8.23 27.98 -4.29
C LEU B 279 -7.25 26.83 -4.52
N LEU B 280 -7.73 25.60 -4.67
CA LEU B 280 -6.84 24.44 -4.68
C LEU B 280 -5.80 24.54 -5.79
N VAL B 281 -6.24 24.82 -7.02
CA VAL B 281 -5.30 24.81 -8.14
C VAL B 281 -4.22 25.88 -7.96
N ASP B 282 -4.57 27.00 -7.33
CA ASP B 282 -3.57 28.04 -7.07
C ASP B 282 -2.59 27.59 -6.00
N LYS B 283 -3.07 26.98 -4.93
CA LYS B 283 -2.16 26.50 -3.90
C LYS B 283 -1.32 25.34 -4.39
N TYR B 284 -1.84 24.57 -5.36
CA TYR B 284 -1.10 23.41 -5.83
C TYR B 284 0.20 23.79 -6.52
N ARG B 285 0.23 24.94 -7.22
CA ARG B 285 1.50 25.30 -7.85
C ARG B 285 2.56 25.72 -6.83
N ASP B 286 2.23 25.78 -5.54
CA ASP B 286 3.23 25.93 -4.49
C ASP B 286 3.66 24.59 -3.91
N CYS B 287 3.08 23.49 -4.36
CA CYS B 287 3.43 22.16 -3.86
C CYS B 287 4.56 21.58 -4.69
N SER B 288 5.52 20.92 -4.01
CA SER B 288 6.67 20.38 -4.70
C SER B 288 6.29 19.34 -5.75
N LEU B 289 5.10 18.75 -5.65
CA LEU B 289 4.67 17.77 -6.64
C LEU B 289 4.26 18.41 -7.96
N ALA B 290 3.96 19.72 -7.96
CA ALA B 290 3.39 20.40 -9.12
C ALA B 290 4.35 20.43 -10.32
N PRO B 291 5.64 20.73 -10.14
CA PRO B 291 6.55 20.65 -11.30
C PRO B 291 6.68 19.24 -11.85
N ILE B 292 6.58 18.23 -11.00
CA ILE B 292 6.66 16.85 -11.47
C ILE B 292 5.44 16.51 -12.31
N PHE B 293 4.25 16.86 -11.83
CA PHE B 293 3.05 16.57 -12.60
C PHE B 293 2.95 17.45 -13.85
N ARG B 294 3.52 18.65 -13.81
CA ARG B 294 3.56 19.47 -15.02
C ARG B 294 4.34 18.77 -16.12
N ALA B 295 5.47 18.14 -15.78
CA ALA B 295 6.25 17.41 -16.78
C ALA B 295 5.54 16.14 -17.21
N ILE B 296 4.94 15.42 -16.26
CA ILE B 296 4.14 14.24 -16.62
C ILE B 296 3.00 14.63 -17.55
N THR B 297 2.32 15.75 -17.23
CA THR B 297 1.21 16.21 -18.06
C THR B 297 1.67 16.58 -19.45
N ALA B 298 2.74 17.39 -19.55
CA ALA B 298 3.22 17.83 -20.85
C ALA B 298 3.60 16.64 -21.73
N ASP B 299 4.13 15.57 -21.13
CA ASP B 299 4.47 14.39 -21.91
C ASP B 299 3.24 13.55 -22.24
N VAL B 300 2.27 13.49 -21.32
CA VAL B 300 1.00 12.83 -21.65
C VAL B 300 0.35 13.53 -22.84
N VAL B 301 0.42 14.86 -22.87
CA VAL B 301 -0.25 15.60 -23.93
C VAL B 301 0.43 15.39 -25.28
N VAL B 302 1.77 15.37 -25.30
CA VAL B 302 2.42 15.14 -26.59
C VAL B 302 2.19 13.72 -27.07
N ALA B 303 1.99 12.77 -26.15
CA ALA B 303 1.67 11.41 -26.55
C ALA B 303 0.27 11.34 -27.15
N VAL B 304 -0.73 11.95 -26.49
CA VAL B 304 -2.10 11.84 -26.97
C VAL B 304 -2.27 12.60 -28.27
N GLU B 305 -1.69 13.80 -28.37
CA GLU B 305 -1.74 14.56 -29.62
C GLU B 305 -0.77 14.02 -30.66
N GLN B 306 -0.35 12.76 -30.54
CA GLN B 306 0.51 12.09 -31.49
C GLN B 306 1.83 12.81 -31.73
#